data_4LUA
#
_entry.id   4LUA
#
_cell.length_a   84.939
_cell.length_b   84.939
_cell.length_c   49.070
_cell.angle_alpha   90.00
_cell.angle_beta   90.00
_cell.angle_gamma   90.00
#
_symmetry.space_group_name_H-M   'P 43 21 2'
#
loop_
_entity.id
_entity.type
_entity.pdbx_description
1 polymer N-acetyltransferase
2 non-polymer GLYCEROL
3 water water
#
_entity_poly.entity_id   1
_entity_poly.type   'polypeptide(L)'
_entity_poly.pdbx_seq_one_letter_code
;SNAMIEIKTLTNNDFNEYKRLVSTVNEEFTQDSHYSQTMTDTLIHDILNQGSPKCIVFGCYENETLIATAALEQIRYVGK
EHKSLIKYNFVTNNDKSINSELINFIINYARQNNYESLLTSIVSNNIGAKVFYSALGFDILGFEKNAIKIGNTYFDEHWL
FYDLINK
;
_entity_poly.pdbx_strand_id   A
#
loop_
_chem_comp.id
_chem_comp.type
_chem_comp.name
_chem_comp.formula
GOL non-polymer GLYCEROL 'C3 H8 O3'
#
# COMPACT_ATOMS: atom_id res chain seq x y z
N ALA A 3 3.85 -19.79 -3.04
CA ALA A 3 2.60 -19.34 -3.67
C ALA A 3 2.75 -18.78 -5.11
N MET A 4 1.74 -19.07 -5.93
CA MET A 4 1.72 -18.72 -7.34
CA MET A 4 1.77 -18.65 -7.31
C MET A 4 0.80 -17.48 -7.55
N ILE A 5 1.38 -16.29 -7.75
CA ILE A 5 0.63 -15.06 -7.85
C ILE A 5 0.82 -14.37 -9.19
N GLU A 6 -0.26 -13.79 -9.68
CA GLU A 6 -0.24 -12.88 -10.82
C GLU A 6 -0.51 -11.47 -10.28
N ILE A 7 0.27 -10.46 -10.66
CA ILE A 7 -0.02 -9.10 -10.25
C ILE A 7 -0.73 -8.42 -11.42
N LYS A 8 -1.95 -7.93 -11.15
CA LYS A 8 -2.82 -7.35 -12.16
C LYS A 8 -3.11 -5.91 -11.83
N THR A 9 -3.36 -5.11 -12.86
CA THR A 9 -3.85 -3.77 -12.62
C THR A 9 -5.34 -3.93 -12.42
N LEU A 10 -5.87 -3.28 -11.39
CA LEU A 10 -7.29 -3.36 -11.08
C LEU A 10 -7.97 -2.15 -11.69
N THR A 11 -9.20 -2.35 -12.10
CA THR A 11 -10.03 -1.25 -12.63
C THR A 11 -11.39 -1.24 -11.92
N ASN A 12 -12.32 -0.43 -12.41
CA ASN A 12 -13.67 -0.34 -11.85
C ASN A 12 -14.38 -1.69 -11.80
N ASN A 13 -14.05 -2.50 -12.78
CA ASN A 13 -14.65 -3.81 -12.86
C ASN A 13 -14.21 -4.76 -11.76
N ASP A 14 -13.23 -4.33 -10.96
CA ASP A 14 -12.78 -5.15 -9.84
C ASP A 14 -13.32 -4.67 -8.52
N PHE A 15 -14.21 -3.67 -8.61
CA PHE A 15 -14.80 -3.11 -7.40
C PHE A 15 -15.28 -4.18 -6.37
N ASN A 16 -16.15 -5.09 -6.81
CA ASN A 16 -16.72 -6.10 -5.91
C ASN A 16 -15.66 -6.87 -5.15
N GLU A 17 -14.65 -7.33 -5.90
CA GLU A 17 -13.57 -8.14 -5.33
CA GLU A 17 -13.60 -8.16 -5.32
C GLU A 17 -12.72 -7.31 -4.40
N TYR A 18 -12.48 -6.07 -4.83
CA TYR A 18 -11.59 -5.22 -4.05
C TYR A 18 -12.29 -5.02 -2.72
N LYS A 19 -13.59 -4.77 -2.81
CA LYS A 19 -14.26 -4.35 -1.60
C LYS A 19 -14.33 -5.56 -0.67
N ARG A 20 -14.42 -6.77 -1.26
CA ARG A 20 -14.48 -7.94 -0.41
C ARG A 20 -13.14 -8.12 0.29
N LEU A 21 -12.06 -7.87 -0.44
CA LEU A 21 -10.75 -8.10 0.21
C LEU A 21 -10.52 -7.12 1.35
N VAL A 22 -10.71 -5.83 1.04
CA VAL A 22 -10.34 -4.84 2.04
C VAL A 22 -11.25 -4.89 3.27
N SER A 23 -12.51 -5.23 3.09
CA SER A 23 -13.38 -5.35 4.25
C SER A 23 -13.03 -6.62 5.03
N THR A 24 -12.51 -7.66 4.37
CA THR A 24 -12.24 -8.91 5.09
C THR A 24 -10.88 -8.85 5.82
N VAL A 25 -9.90 -8.31 5.14
CA VAL A 25 -8.58 -8.12 5.75
C VAL A 25 -8.62 -7.06 6.91
N ASN A 26 -9.27 -5.94 6.63
CA ASN A 26 -9.58 -4.89 7.59
C ASN A 26 -8.32 -4.07 7.99
N GLU A 27 -7.27 -4.77 8.37
CA GLU A 27 -6.04 -4.13 8.84
C GLU A 27 -5.15 -3.77 7.63
N GLU A 28 -4.82 -2.49 7.53
CA GLU A 28 -3.87 -2.02 6.50
C GLU A 28 -2.43 -2.29 7.00
N PHE A 29 -1.57 -2.77 6.09
CA PHE A 29 -0.26 -3.30 6.52
C PHE A 29 0.63 -2.29 7.27
N THR A 30 0.50 -1.00 6.98
CA THR A 30 1.33 0.01 7.67
C THR A 30 0.60 0.71 8.77
N GLN A 31 -0.65 0.34 9.07
CA GLN A 31 -1.39 1.02 10.12
C GLN A 31 -1.51 0.15 11.36
N ASP A 32 -2.57 0.29 12.15
CA ASP A 32 -2.60 -0.43 13.42
C ASP A 32 -3.49 -1.68 13.34
N SER A 33 -3.18 -2.65 14.20
CA SER A 33 -3.91 -3.91 14.25
C SER A 33 -5.37 -3.78 14.59
N HIS A 34 -5.70 -2.74 15.34
CA HIS A 34 -7.11 -2.48 15.60
C HIS A 34 -7.64 -1.25 14.84
N TYR A 35 -6.81 -0.21 14.74
CA TYR A 35 -7.24 1.00 14.03
C TYR A 35 -6.62 1.07 12.63
N SER A 36 -7.45 0.87 11.61
CA SER A 36 -7.06 1.02 10.19
C SER A 36 -8.18 1.75 9.48
N GLN A 37 -7.81 2.51 8.45
CA GLN A 37 -8.81 3.35 7.83
C GLN A 37 -9.76 2.48 7.04
N THR A 38 -11.03 2.86 7.10
CA THR A 38 -12.08 2.16 6.38
C THR A 38 -12.20 2.63 4.94
N MET A 39 -12.53 1.70 4.06
CA MET A 39 -12.55 1.93 2.64
C MET A 39 -14.01 2.09 2.22
N THR A 40 -14.44 3.33 2.01
CA THR A 40 -15.83 3.60 1.67
C THR A 40 -16.06 3.28 0.20
N ASP A 41 -17.33 3.07 -0.20
CA ASP A 41 -17.64 2.79 -1.60
C ASP A 41 -17.15 3.91 -2.52
N THR A 42 -17.32 5.15 -2.06
CA THR A 42 -16.90 6.28 -2.89
C THR A 42 -15.38 6.26 -3.09
N LEU A 43 -14.66 6.03 -2.00
CA LEU A 43 -13.20 5.93 -2.05
C LEU A 43 -12.73 4.83 -3.00
N ILE A 44 -13.29 3.64 -2.84
CA ILE A 44 -12.94 2.50 -3.68
C ILE A 44 -13.17 2.89 -5.15
N HIS A 45 -14.36 3.42 -5.46
CA HIS A 45 -14.59 3.85 -6.83
C HIS A 45 -13.55 4.85 -7.34
N ASP A 46 -13.24 5.84 -6.51
CA ASP A 46 -12.33 6.90 -6.88
C ASP A 46 -10.92 6.36 -7.18
N ILE A 47 -10.45 5.39 -6.40
CA ILE A 47 -9.10 4.88 -6.70
C ILE A 47 -9.09 3.95 -7.89
N LEU A 48 -10.18 3.20 -8.08
CA LEU A 48 -10.19 2.29 -9.24
C LEU A 48 -10.47 2.99 -10.61
N ASN A 49 -11.08 4.18 -10.57
CA ASN A 49 -11.46 4.95 -11.76
C ASN A 49 -10.36 5.86 -12.33
N LYS A 54 -4.38 10.81 -10.57
CA LYS A 54 -3.57 9.62 -10.85
C LYS A 54 -3.34 8.71 -9.62
N CYS A 55 -3.91 7.53 -9.76
CA CYS A 55 -3.82 6.48 -8.76
C CYS A 55 -3.92 5.22 -9.56
N ILE A 56 -2.93 4.37 -9.46
CA ILE A 56 -3.00 3.07 -10.09
C ILE A 56 -3.06 2.03 -8.97
N VAL A 57 -3.96 1.07 -9.10
CA VAL A 57 -4.18 0.05 -8.08
C VAL A 57 -3.80 -1.33 -8.56
N PHE A 58 -3.03 -2.05 -7.74
CA PHE A 58 -2.57 -3.38 -8.14
C PHE A 58 -3.18 -4.44 -7.24
N GLY A 59 -3.44 -5.61 -7.83
CA GLY A 59 -3.94 -6.73 -7.02
C GLY A 59 -3.12 -7.99 -7.25
N CYS A 60 -2.85 -8.74 -6.19
CA CYS A 60 -2.17 -10.03 -6.35
C CYS A 60 -3.26 -11.11 -6.34
N TYR A 61 -3.22 -11.95 -7.38
CA TYR A 61 -4.20 -13.05 -7.48
C TYR A 61 -3.51 -14.40 -7.34
N GLU A 62 -4.15 -15.28 -6.57
CA GLU A 62 -3.79 -16.72 -6.59
C GLU A 62 -5.02 -17.40 -7.17
N ASN A 63 -4.87 -17.89 -8.40
CA ASN A 63 -5.98 -18.53 -9.14
C ASN A 63 -7.14 -17.51 -9.30
N GLU A 64 -8.29 -17.75 -8.66
CA GLU A 64 -9.40 -16.79 -8.85
C GLU A 64 -9.48 -15.74 -7.75
N THR A 65 -8.61 -15.86 -6.75
CA THR A 65 -8.76 -15.10 -5.48
C THR A 65 -7.83 -13.91 -5.37
N LEU A 66 -8.40 -12.73 -5.13
CA LEU A 66 -7.61 -11.54 -4.84
C LEU A 66 -7.11 -11.64 -3.39
N ILE A 67 -5.80 -11.68 -3.23
CA ILE A 67 -5.25 -11.89 -1.87
C ILE A 67 -4.50 -10.72 -1.29
N ALA A 68 -4.18 -9.72 -2.11
CA ALA A 68 -3.45 -8.56 -1.61
C ALA A 68 -3.60 -7.42 -2.58
N THR A 69 -3.44 -6.19 -2.06
CA THR A 69 -3.49 -5.03 -2.94
C THR A 69 -2.63 -3.91 -2.38
N ALA A 70 -2.17 -3.03 -3.30
CA ALA A 70 -1.63 -1.72 -2.86
C ALA A 70 -1.85 -0.77 -4.02
N ALA A 71 -1.87 0.53 -3.71
CA ALA A 71 -2.11 1.59 -4.70
C ALA A 71 -0.88 2.55 -4.69
N LEU A 72 -0.61 3.10 -5.86
CA LEU A 72 0.44 4.07 -6.01
C LEU A 72 -0.31 5.33 -6.43
N GLU A 73 -0.27 6.33 -5.54
CA GLU A 73 -1.03 7.57 -5.77
C GLU A 73 -0.02 8.66 -6.09
N GLN A 74 -0.21 9.36 -7.20
CA GLN A 74 0.62 10.51 -7.48
C GLN A 74 -0.07 11.76 -6.90
N ILE A 75 0.61 12.46 -6.01
CA ILE A 75 0.16 13.74 -5.51
C ILE A 75 0.58 14.84 -6.48
N ARG A 76 -0.38 15.55 -7.08
CA ARG A 76 -0.01 16.66 -7.97
C ARG A 76 -0.23 18.08 -7.39
N GLU A 81 4.76 19.87 -9.92
CA GLU A 81 5.58 18.78 -9.40
C GLU A 81 4.72 17.66 -8.81
N HIS A 82 5.34 16.51 -8.63
CA HIS A 82 4.61 15.34 -8.17
C HIS A 82 5.41 14.50 -7.18
N LYS A 83 4.71 13.80 -6.31
CA LYS A 83 5.30 12.82 -5.43
C LYS A 83 4.44 11.58 -5.58
N SER A 84 5.02 10.40 -5.40
CA SER A 84 4.22 9.19 -5.40
C SER A 84 4.22 8.45 -4.06
N LEU A 85 3.05 8.05 -3.59
CA LEU A 85 2.89 7.43 -2.26
C LEU A 85 2.30 6.08 -2.41
N ILE A 86 2.80 5.14 -1.61
CA ILE A 86 2.14 3.83 -1.56
C ILE A 86 1.08 3.92 -0.48
N LYS A 87 -0.13 3.48 -0.84
CA LYS A 87 -1.31 3.59 0.02
C LYS A 87 -2.16 2.34 -0.09
N TYR A 88 -3.11 2.20 0.83
CA TYR A 88 -4.18 1.17 0.71
C TYR A 88 -3.58 -0.21 0.49
N ASN A 89 -2.64 -0.59 1.35
CA ASN A 89 -1.94 -1.88 1.21
C ASN A 89 -2.59 -2.85 2.17
N PHE A 90 -3.44 -3.74 1.64
CA PHE A 90 -4.10 -4.76 2.46
C PHE A 90 -3.65 -6.11 1.96
N VAL A 91 -3.14 -6.95 2.88
CA VAL A 91 -2.53 -8.22 2.47
C VAL A 91 -3.13 -9.32 3.34
N THR A 92 -3.71 -10.37 2.73
CA THR A 92 -4.25 -11.48 3.50
C THR A 92 -3.17 -12.02 4.45
N ASN A 93 -3.53 -12.17 5.73
CA ASN A 93 -2.62 -12.69 6.77
C ASN A 93 -1.35 -11.82 6.98
N ASN A 94 -1.34 -10.58 6.49
CA ASN A 94 -0.10 -9.76 6.50
C ASN A 94 1.12 -10.51 5.99
N ASP A 95 0.89 -11.37 5.01
CA ASP A 95 1.94 -12.22 4.52
C ASP A 95 3.04 -11.42 3.86
N LYS A 96 4.22 -11.49 4.48
CA LYS A 96 5.32 -10.67 3.99
C LYS A 96 6.00 -11.19 2.74
N SER A 97 5.90 -12.49 2.48
CA SER A 97 6.42 -13.02 1.22
C SER A 97 5.63 -12.43 0.05
N ILE A 98 4.30 -12.49 0.21
CA ILE A 98 3.41 -11.92 -0.80
C ILE A 98 3.63 -10.41 -0.90
N ASN A 99 3.65 -9.71 0.25
CA ASN A 99 3.77 -8.28 0.16
C ASN A 99 5.13 -7.85 -0.37
N SER A 100 6.19 -8.61 -0.09
CA SER A 100 7.52 -8.24 -0.63
C SER A 100 7.47 -8.35 -2.14
N GLU A 101 6.80 -9.39 -2.66
CA GLU A 101 6.68 -9.50 -4.14
C GLU A 101 5.91 -8.29 -4.68
N LEU A 102 4.85 -7.89 -3.97
CA LEU A 102 4.05 -6.74 -4.40
C LEU A 102 4.82 -5.41 -4.36
N ILE A 103 5.49 -5.09 -3.24
CA ILE A 103 6.19 -3.81 -3.14
C ILE A 103 7.43 -3.83 -4.06
N ASN A 104 8.11 -4.98 -4.22
CA ASN A 104 9.22 -5.01 -5.20
C ASN A 104 8.71 -4.73 -6.63
N PHE A 105 7.52 -5.28 -6.93
CA PHE A 105 6.92 -4.93 -8.20
C PHE A 105 6.65 -3.44 -8.32
N ILE A 106 6.08 -2.84 -7.27
CA ILE A 106 5.81 -1.39 -7.31
C ILE A 106 7.11 -0.57 -7.53
N ILE A 107 8.21 -0.94 -6.86
CA ILE A 107 9.49 -0.27 -7.11
C ILE A 107 9.85 -0.35 -8.57
N ASN A 108 9.76 -1.57 -9.17
CA ASN A 108 10.10 -1.62 -10.62
C ASN A 108 9.12 -0.87 -11.54
N TYR A 109 7.83 -0.94 -11.24
CA TYR A 109 6.84 -0.21 -12.00
C TYR A 109 7.19 1.27 -11.98
N ALA A 110 7.47 1.77 -10.79
CA ALA A 110 7.79 3.19 -10.64
C ALA A 110 9.06 3.57 -11.40
N ARG A 111 10.09 2.75 -11.28
CA ARG A 111 11.34 3.03 -12.01
C ARG A 111 11.07 3.07 -13.52
N GLN A 112 10.24 2.14 -13.98
CA GLN A 112 9.98 2.10 -15.42
C GLN A 112 9.14 3.23 -15.96
N ASN A 113 8.36 3.83 -15.10
CA ASN A 113 7.49 4.91 -15.53
C ASN A 113 8.09 6.24 -15.14
N ASN A 114 9.38 6.19 -14.86
CA ASN A 114 10.22 7.37 -14.65
C ASN A 114 9.81 8.25 -13.47
N TYR A 115 9.26 7.60 -12.45
CA TYR A 115 8.97 8.25 -11.17
C TYR A 115 10.29 8.60 -10.49
N GLU A 116 10.28 9.66 -9.66
CA GLU A 116 11.50 10.12 -9.02
C GLU A 116 11.68 9.50 -7.64
N SER A 117 10.58 9.24 -6.95
CA SER A 117 10.72 8.62 -5.65
C SER A 117 9.42 7.95 -5.27
N LEU A 118 9.53 7.08 -4.27
CA LEU A 118 8.34 6.40 -3.79
C LEU A 118 8.37 6.69 -2.31
N LEU A 119 7.24 7.15 -1.75
CA LEU A 119 7.18 7.37 -0.28
C LEU A 119 6.17 6.42 0.37
N THR A 120 6.40 6.04 1.61
CA THR A 120 5.39 5.28 2.32
C THR A 120 5.35 5.81 3.76
N SER A 121 4.18 5.74 4.41
CA SER A 121 4.01 6.18 5.78
C SER A 121 3.63 4.98 6.65
N ILE A 122 4.17 4.95 7.87
CA ILE A 122 3.97 3.74 8.73
C ILE A 122 3.65 4.26 10.12
N VAL A 123 2.57 3.73 10.74
CA VAL A 123 2.30 4.17 12.10
C VAL A 123 3.48 3.88 13.02
N SER A 124 3.73 4.78 13.93
CA SER A 124 5.04 4.79 14.57
C SER A 124 5.50 3.60 15.37
N ASN A 125 4.57 2.81 15.92
CA ASN A 125 5.06 1.64 16.67
C ASN A 125 4.93 0.37 15.83
N ASN A 126 4.60 0.48 14.55
CA ASN A 126 4.53 -0.70 13.67
C ASN A 126 5.94 -1.05 13.14
N ILE A 127 6.74 -1.66 14.03
CA ILE A 127 8.13 -1.98 13.65
C ILE A 127 8.16 -3.12 12.66
N GLY A 128 7.16 -4.02 12.65
CA GLY A 128 7.13 -5.05 11.63
C GLY A 128 7.13 -4.45 10.22
N ALA A 129 6.24 -3.44 10.02
CA ALA A 129 6.16 -2.84 8.70
C ALA A 129 7.41 -2.02 8.39
N LYS A 130 7.98 -1.33 9.41
CA LYS A 130 9.18 -0.52 9.15
C LYS A 130 10.36 -1.44 8.75
N VAL A 131 10.57 -2.56 9.47
CA VAL A 131 11.64 -3.49 9.10
C VAL A 131 11.44 -4.13 7.72
N PHE A 132 10.17 -4.43 7.42
CA PHE A 132 9.83 -4.97 6.11
C PHE A 132 10.27 -3.97 5.00
N TYR A 133 9.93 -2.70 5.19
CA TYR A 133 10.29 -1.72 4.16
C TYR A 133 11.75 -1.44 4.10
N SER A 134 12.43 -1.44 5.26
CA SER A 134 13.89 -1.24 5.27
CA SER A 134 13.87 -1.23 5.25
C SER A 134 14.58 -2.36 4.50
N ALA A 135 14.04 -3.58 4.63
CA ALA A 135 14.66 -4.70 3.96
C ALA A 135 14.54 -4.58 2.43
N LEU A 136 13.52 -3.85 1.99
CA LEU A 136 13.34 -3.61 0.52
C LEU A 136 14.09 -2.39 0.04
N GLY A 137 14.86 -1.77 0.93
CA GLY A 137 15.70 -0.67 0.48
C GLY A 137 15.16 0.73 0.74
N PHE A 138 14.01 0.85 1.41
CA PHE A 138 13.53 2.19 1.80
C PHE A 138 14.34 2.72 2.97
N ASP A 139 14.54 4.04 3.00
CA ASP A 139 15.30 4.71 4.07
C ASP A 139 14.39 5.64 4.81
N ILE A 140 14.76 5.97 6.05
CA ILE A 140 13.94 6.87 6.84
C ILE A 140 14.02 8.32 6.32
N LEU A 141 12.84 8.93 6.15
CA LEU A 141 12.75 10.35 5.83
C LEU A 141 12.56 11.07 7.13
N GLY A 142 11.54 10.68 7.88
CA GLY A 142 11.31 11.42 9.10
C GLY A 142 10.15 10.91 9.93
N PHE A 143 9.67 11.74 10.85
CA PHE A 143 8.65 11.33 11.84
C PHE A 143 7.71 12.50 11.93
N GLU A 144 6.42 12.24 11.67
CA GLU A 144 5.42 13.27 11.70
C GLU A 144 4.40 12.99 12.84
N LYS A 145 4.20 13.94 13.74
CA LYS A 145 3.19 13.77 14.81
C LYS A 145 1.77 13.93 14.24
N ASN A 146 0.81 13.13 14.73
CA ASN A 146 -0.59 13.29 14.31
C ASN A 146 -0.69 13.29 12.77
N ALA A 147 0.04 12.39 12.13
CA ALA A 147 0.15 12.39 10.68
C ALA A 147 -1.08 11.82 10.06
N ILE A 148 -1.80 10.96 10.80
CA ILE A 148 -3.00 10.38 10.21
C ILE A 148 -4.10 10.31 11.25
N LYS A 149 -5.34 10.50 10.83
CA LYS A 149 -6.46 10.33 11.76
C LYS A 149 -7.29 9.14 11.32
N ILE A 150 -7.42 8.13 12.19
CA ILE A 150 -8.17 6.93 11.84
C ILE A 150 -9.39 6.89 12.72
N GLY A 151 -10.54 7.19 12.11
CA GLY A 151 -11.77 7.35 12.86
C GLY A 151 -11.61 8.61 13.66
N ASN A 152 -11.65 8.49 14.99
CA ASN A 152 -11.40 9.62 15.85
C ASN A 152 -10.06 9.47 16.60
N THR A 153 -9.12 8.73 16.05
CA THR A 153 -7.89 8.42 16.76
C THR A 153 -6.69 8.81 15.88
N TYR A 154 -5.90 9.78 16.36
CA TYR A 154 -4.67 10.17 15.65
C TYR A 154 -3.53 9.21 15.89
N PHE A 155 -2.68 9.09 14.86
CA PHE A 155 -1.42 8.35 14.99
C PHE A 155 -0.26 9.16 14.47
N ASP A 156 0.87 9.02 15.16
CA ASP A 156 2.14 9.52 14.61
C ASP A 156 2.66 8.51 13.57
N GLU A 157 3.38 8.99 12.56
CA GLU A 157 3.91 8.11 11.53
C GLU A 157 5.36 8.37 11.22
N HIS A 158 6.06 7.31 10.87
CA HIS A 158 7.37 7.43 10.21
C HIS A 158 7.11 7.56 8.71
N TRP A 159 7.93 8.38 8.03
CA TRP A 159 7.88 8.44 6.59
C TRP A 159 9.18 7.84 6.10
N LEU A 160 9.09 6.96 5.08
CA LEU A 160 10.27 6.36 4.46
C LEU A 160 10.21 6.65 2.97
N PHE A 161 11.36 6.57 2.33
CA PHE A 161 11.39 6.81 0.88
C PHE A 161 12.29 5.78 0.22
N TYR A 162 12.06 5.59 -1.09
CA TYR A 162 12.99 4.79 -1.90
C TYR A 162 13.48 5.69 -3.02
N ASP A 163 14.80 5.72 -3.14
CA ASP A 163 15.52 6.56 -4.06
C ASP A 163 15.50 5.94 -5.43
N LEU A 164 14.67 6.47 -6.34
CA LEU A 164 14.59 5.89 -7.71
C LEU A 164 15.50 6.51 -8.70
N ILE A 165 16.14 7.60 -8.29
CA ILE A 165 17.07 8.32 -9.14
C ILE A 165 18.37 7.51 -9.26
N ASN A 166 18.78 6.96 -8.12
CA ASN A 166 20.01 6.16 -8.03
C ASN A 166 19.70 4.71 -7.68
C1 GOL B . 4.47 -7.01 9.83
O1 GOL B . 5.09 -7.91 10.80
C2 GOL B . 3.28 -6.26 10.47
O2 GOL B . 3.73 -5.53 11.62
C3 GOL B . 2.59 -5.34 9.40
O3 GOL B . 1.44 -4.76 10.01
#